data_5MIL
#
_entry.id   5MIL
#
_cell.length_a   33.470
_cell.length_b   88.840
_cell.length_c   54.150
_cell.angle_alpha   90.00
_cell.angle_beta   91.68
_cell.angle_gamma   90.00
#
_symmetry.space_group_name_H-M   'P 1 21 1'
#
loop_
_entity.id
_entity.type
_entity.pdbx_description
1 polymer 'DUTPase family protein'
2 non-polymer "2'-DEOXYURIDINE 5'-ALPHA,BETA-IMIDO-TRIPHOSPHATE"
3 non-polymer 'MAGNESIUM ION'
4 water water
#
_entity_poly.entity_id   1
_entity_poly.type   'polypeptide(L)'
_entity_poly.pdbx_seq_one_letter_code
;MGSSHHHHHHSSGLVPRGSHMASMTGGQQMGRGSMTNTLTIDQLQELLQIQKEFDDRIPTLNLRDSKIAYVVEFFEWFNT
LETFKNWKKKPGKPLDVQLDELADMLAFGLSIANQSGVSLKTLEKLIPSTLGKVYFNTSSIMKDFMEDFVYFGLGEEDSL
SLPLNIAYNLYSIDQLIDAYKKKMKRNHERQDGTADAGKGYV
;
_entity_poly.pdbx_strand_id   A,B
#
loop_
_chem_comp.id
_chem_comp.type
_chem_comp.name
_chem_comp.formula
DUP non-polymer '2'-DEOXYURIDINE 5'-ALPHA,BETA-IMIDO-TRIPHOSPHATE' 'C9 H16 N3 O13 P3'
MG non-polymer 'MAGNESIUM ION' 'Mg 2'
#
# COMPACT_ATOMS: atom_id res chain seq x y z
N THR A 38 -22.39 -2.41 -16.00
CA THR A 38 -23.06 -1.18 -16.43
C THR A 38 -23.31 -0.24 -15.26
N LEU A 39 -23.33 1.06 -15.54
CA LEU A 39 -23.49 2.05 -14.49
C LEU A 39 -24.25 3.27 -14.97
N THR A 40 -25.32 3.59 -14.27
CA THR A 40 -26.13 4.74 -14.60
C THR A 40 -25.81 5.91 -13.68
N ILE A 41 -26.09 7.13 -14.13
CA ILE A 41 -25.95 8.31 -13.29
C ILE A 41 -26.84 8.16 -12.06
N ASP A 42 -27.96 7.46 -12.21
CA ASP A 42 -28.85 7.14 -11.09
C ASP A 42 -28.06 6.39 -10.03
N GLN A 43 -27.42 5.31 -10.44
CA GLN A 43 -26.67 4.44 -9.53
C GLN A 43 -25.51 5.16 -8.83
N LEU A 44 -24.79 5.97 -9.60
CA LEU A 44 -23.64 6.71 -9.11
C LEU A 44 -24.07 7.77 -8.09
N GLN A 45 -25.22 8.39 -8.34
CA GLN A 45 -25.78 9.38 -7.43
C GLN A 45 -26.18 8.77 -6.09
N GLU A 46 -26.70 7.54 -6.12
CA GLU A 46 -26.99 6.80 -4.88
C GLU A 46 -25.69 6.49 -4.10
N LEU A 47 -24.68 6.01 -4.83
CA LEU A 47 -23.39 5.72 -4.22
C LEU A 47 -22.86 6.92 -3.43
N LEU A 48 -22.88 8.11 -4.03
CA LEU A 48 -22.39 9.32 -3.38
C LEU A 48 -23.22 9.72 -2.18
N GLN A 49 -24.52 9.40 -2.22
CA GLN A 49 -25.43 9.71 -1.12
C GLN A 49 -25.18 8.78 0.06
N ILE A 50 -24.95 7.51 -0.23
CA ILE A 50 -24.59 6.57 0.81
C ILE A 50 -23.29 7.01 1.48
N GLN A 51 -22.31 7.47 0.69
CA GLN A 51 -21.01 7.87 1.26
C GLN A 51 -21.14 9.14 2.11
N LYS A 52 -21.99 10.05 1.67
CA LYS A 52 -22.15 11.32 2.37
C LYS A 52 -22.84 11.11 3.70
N GLU A 53 -23.83 10.22 3.72
CA GLU A 53 -24.51 9.88 4.97
C GLU A 53 -23.52 9.37 6.00
N PHE A 54 -22.55 8.56 5.56
CA PHE A 54 -21.57 8.06 6.50
C PHE A 54 -20.57 9.14 6.90
N ASP A 55 -19.99 9.83 5.91
CA ASP A 55 -18.93 10.80 6.21
C ASP A 55 -19.43 11.95 7.08
N ASP A 56 -20.71 12.28 6.98
CA ASP A 56 -21.30 13.28 7.85
C ASP A 56 -21.21 12.90 9.34
N ARG A 57 -20.96 11.62 9.63
CA ARG A 57 -20.83 11.17 11.02
C ARG A 57 -19.42 11.29 11.56
N ILE A 58 -18.51 11.83 10.75
CA ILE A 58 -17.09 11.94 11.14
C ILE A 58 -16.65 13.40 11.15
N PRO A 59 -16.60 14.03 12.35
CA PRO A 59 -16.27 15.45 12.48
C PRO A 59 -14.85 15.80 12.04
N THR A 60 -13.93 14.85 12.17
CA THR A 60 -12.55 15.10 11.81
C THR A 60 -12.27 14.90 10.32
N LEU A 61 -13.33 14.69 9.54
CA LEU A 61 -13.21 14.43 8.10
C LEU A 61 -12.48 15.54 7.37
N ASN A 62 -11.46 15.19 6.59
CA ASN A 62 -10.76 16.19 5.80
C ASN A 62 -10.11 15.56 4.57
N LEU A 63 -9.90 16.39 3.55
CA LEU A 63 -9.50 15.93 2.22
C LEU A 63 -8.08 15.33 2.22
N ARG A 64 -7.17 15.95 2.97
CA ARG A 64 -5.78 15.48 3.03
C ARG A 64 -5.72 14.02 3.48
N ASP A 65 -6.33 13.73 4.62
CA ASP A 65 -6.38 12.37 5.15
C ASP A 65 -7.16 11.44 4.23
N SER A 66 -8.24 11.95 3.64
CA SER A 66 -9.05 11.17 2.71
C SER A 66 -8.23 10.75 1.50
N LYS A 67 -7.39 11.66 1.00
CA LYS A 67 -6.57 11.30 -0.15
C LYS A 67 -5.49 10.28 0.23
N ILE A 68 -4.89 10.43 1.41
CA ILE A 68 -3.91 9.44 1.87
C ILE A 68 -4.56 8.08 2.07
N ALA A 69 -5.75 8.10 2.65
CA ALA A 69 -6.48 6.86 2.88
C ALA A 69 -6.83 6.19 1.55
N TYR A 70 -7.14 7.00 0.54
CA TYR A 70 -7.47 6.46 -0.78
C TYR A 70 -6.30 5.64 -1.32
N VAL A 71 -5.11 6.24 -1.25
CA VAL A 71 -3.91 5.59 -1.75
C VAL A 71 -3.66 4.29 -1.00
N VAL A 72 -3.88 4.30 0.29
CA VAL A 72 -3.60 3.11 1.07
C VAL A 72 -4.59 1.96 0.76
N GLU A 73 -5.86 2.27 0.52
CA GLU A 73 -6.80 1.20 0.14
C GLU A 73 -6.46 0.66 -1.24
N PHE A 74 -5.89 1.52 -2.09
CA PHE A 74 -5.48 1.03 -3.40
C PHE A 74 -4.46 -0.09 -3.25
N PHE A 75 -3.51 0.09 -2.32
CA PHE A 75 -2.50 -0.92 -2.11
C PHE A 75 -3.07 -2.12 -1.32
N GLU A 76 -4.02 -1.89 -0.42
CA GLU A 76 -4.70 -3.01 0.22
C GLU A 76 -5.37 -3.86 -0.87
N TRP A 77 -6.07 -3.21 -1.80
CA TRP A 77 -6.69 -3.97 -2.90
C TRP A 77 -5.63 -4.67 -3.74
N PHE A 78 -4.64 -3.92 -4.19
CA PHE A 78 -3.59 -4.46 -5.04
C PHE A 78 -2.93 -5.66 -4.39
N ASN A 79 -2.81 -5.63 -3.06
CA ASN A 79 -2.22 -6.78 -2.36
C ASN A 79 -3.16 -7.97 -2.26
N THR A 80 -4.42 -7.85 -2.68
CA THR A 80 -5.30 -9.01 -2.71
C THR A 80 -5.24 -9.70 -4.08
N LEU A 81 -4.85 -8.93 -5.10
CA LEU A 81 -4.72 -9.47 -6.44
C LEU A 81 -3.46 -10.34 -6.54
N GLU A 82 -2.37 -9.85 -5.95
CA GLU A 82 -1.12 -10.61 -5.82
C GLU A 82 -0.49 -11.05 -7.14
N THR A 83 -0.53 -10.18 -8.13
CA THR A 83 0.07 -10.44 -9.42
C THR A 83 1.57 -10.74 -9.35
N PHE A 84 2.25 -10.07 -8.41
CA PHE A 84 3.71 -10.10 -8.30
C PHE A 84 4.23 -11.30 -7.49
N LYS A 85 3.33 -12.00 -6.79
CA LYS A 85 3.74 -13.04 -5.87
C LYS A 85 4.12 -14.32 -6.59
N ASN A 86 5.29 -14.34 -7.24
CA ASN A 86 5.72 -15.52 -7.95
C ASN A 86 6.05 -16.67 -7.02
N TRP A 87 6.00 -16.42 -5.71
CA TRP A 87 6.38 -17.45 -4.75
C TRP A 87 5.16 -18.22 -4.24
N LYS A 88 3.98 -17.82 -4.70
CA LYS A 88 2.76 -18.58 -4.43
C LYS A 88 2.41 -19.39 -5.67
N LYS A 89 2.04 -20.65 -5.48
CA LYS A 89 1.66 -21.52 -6.59
C LYS A 89 0.39 -20.97 -7.23
N LYS A 90 -0.59 -20.67 -6.38
CA LYS A 90 -1.83 -20.05 -6.83
C LYS A 90 -2.02 -18.70 -6.16
N PRO A 91 -1.43 -17.65 -6.75
CA PRO A 91 -1.53 -16.31 -6.17
C PRO A 91 -2.95 -15.76 -6.22
N GLY A 92 -3.28 -14.92 -5.25
CA GLY A 92 -4.53 -14.19 -5.26
C GLY A 92 -5.42 -14.58 -4.09
N LYS A 93 -5.97 -13.59 -3.42
CA LYS A 93 -6.84 -13.86 -2.30
C LYS A 93 -8.27 -14.09 -2.85
N PRO A 94 -9.19 -14.61 -2.01
CA PRO A 94 -10.55 -14.92 -2.47
C PRO A 94 -11.26 -13.73 -3.13
N LEU A 95 -12.21 -14.04 -4.01
CA LEU A 95 -12.93 -13.02 -4.75
C LEU A 95 -13.61 -12.01 -3.83
N ASP A 96 -14.29 -12.51 -2.80
CA ASP A 96 -14.98 -11.63 -1.85
C ASP A 96 -14.01 -10.73 -1.10
N VAL A 97 -12.80 -11.19 -0.89
CA VAL A 97 -11.77 -10.37 -0.25
C VAL A 97 -11.25 -9.29 -1.22
N GLN A 98 -11.11 -9.63 -2.50
CA GLN A 98 -10.68 -8.65 -3.50
C GLN A 98 -11.73 -7.54 -3.61
N LEU A 99 -13.00 -7.95 -3.70
CA LEU A 99 -14.11 -7.02 -3.82
C LEU A 99 -14.30 -6.11 -2.62
N ASP A 100 -13.98 -6.60 -1.42
CA ASP A 100 -14.21 -5.80 -0.23
C ASP A 100 -13.13 -4.73 -0.03
N GLU A 101 -11.94 -4.95 -0.59
CA GLU A 101 -10.92 -3.89 -0.58
C GLU A 101 -11.20 -2.86 -1.66
N LEU A 102 -11.69 -3.32 -2.82
CA LEU A 102 -12.07 -2.42 -3.89
C LEU A 102 -13.23 -1.53 -3.41
N ALA A 103 -14.15 -2.11 -2.66
CA ALA A 103 -15.22 -1.36 -2.01
C ALA A 103 -14.66 -0.28 -1.09
N ASP A 104 -13.61 -0.62 -0.32
CA ASP A 104 -12.91 0.36 0.52
C ASP A 104 -12.35 1.53 -0.29
N MET A 105 -11.73 1.20 -1.41
CA MET A 105 -11.17 2.19 -2.31
C MET A 105 -12.26 3.09 -2.91
N LEU A 106 -13.36 2.47 -3.36
CA LEU A 106 -14.49 3.25 -3.87
C LEU A 106 -15.02 4.21 -2.80
N ALA A 107 -15.11 3.76 -1.54
CA ALA A 107 -15.57 4.63 -0.46
C ALA A 107 -14.80 5.96 -0.42
N PHE A 108 -13.47 5.89 -0.46
CA PHE A 108 -12.69 7.11 -0.36
C PHE A 108 -12.71 7.91 -1.65
N GLY A 109 -12.85 7.24 -2.78
CA GLY A 109 -13.04 7.94 -4.04
C GLY A 109 -14.33 8.76 -4.05
N LEU A 110 -15.42 8.16 -3.59
CA LEU A 110 -16.69 8.86 -3.45
C LEU A 110 -16.55 10.03 -2.46
N SER A 111 -15.83 9.79 -1.37
CA SER A 111 -15.69 10.79 -0.33
C SER A 111 -14.92 12.00 -0.83
N ILE A 112 -13.83 11.76 -1.56
CA ILE A 112 -13.07 12.83 -2.21
C ILE A 112 -13.98 13.64 -3.15
N ALA A 113 -14.76 12.95 -3.98
CA ALA A 113 -15.63 13.62 -4.95
C ALA A 113 -16.68 14.46 -4.21
N ASN A 114 -17.29 13.89 -3.16
CA ASN A 114 -18.19 14.63 -2.28
C ASN A 114 -17.55 15.83 -1.60
N GLN A 115 -16.40 15.63 -0.94
CA GLN A 115 -15.74 16.71 -0.23
C GLN A 115 -15.26 17.80 -1.20
N SER A 116 -14.95 17.42 -2.42
CA SER A 116 -14.54 18.36 -3.47
C SER A 116 -15.76 19.07 -4.11
N GLY A 117 -16.96 18.63 -3.78
CA GLY A 117 -18.16 19.29 -4.26
C GLY A 117 -18.48 18.97 -5.71
N VAL A 118 -18.30 17.72 -6.10
CA VAL A 118 -18.48 17.30 -7.48
C VAL A 118 -19.89 17.64 -8.00
N SER A 119 -19.95 18.12 -9.23
CA SER A 119 -21.20 18.52 -9.84
C SER A 119 -21.77 17.44 -10.75
N LEU A 120 -23.08 17.50 -10.91
CA LEU A 120 -23.79 16.68 -11.87
C LEU A 120 -23.14 16.77 -13.25
N LYS A 121 -22.81 17.99 -13.67
CA LYS A 121 -22.18 18.21 -14.97
C LYS A 121 -20.95 17.33 -15.16
N THR A 122 -20.13 17.26 -14.12
CA THR A 122 -18.93 16.42 -14.14
C THR A 122 -19.26 14.93 -14.19
N LEU A 123 -20.18 14.50 -13.34
CA LEU A 123 -20.57 13.08 -13.25
C LEU A 123 -21.08 12.54 -14.58
N GLU A 124 -21.82 13.36 -15.31
CA GLU A 124 -22.46 12.96 -16.54
C GLU A 124 -21.44 12.90 -17.68
N LYS A 125 -20.44 13.76 -17.65
CA LYS A 125 -19.35 13.64 -18.61
C LYS A 125 -18.44 12.47 -18.25
N LEU A 126 -18.45 12.06 -16.98
CA LEU A 126 -17.53 11.03 -16.54
C LEU A 126 -18.03 9.61 -16.79
N ILE A 127 -19.35 9.40 -16.85
CA ILE A 127 -19.89 8.05 -17.04
C ILE A 127 -19.60 7.45 -18.43
N PRO A 128 -19.76 8.23 -19.52
CA PRO A 128 -19.32 7.69 -20.82
C PRO A 128 -17.82 7.39 -20.91
N SER A 129 -17.10 7.54 -19.80
CA SER A 129 -15.69 7.18 -19.74
C SER A 129 -15.49 5.90 -18.92
N THR A 130 -16.52 5.04 -18.93
CA THR A 130 -16.43 3.73 -18.31
C THR A 130 -15.85 2.75 -19.31
N LEU A 131 -15.59 3.26 -20.52
CA LEU A 131 -14.97 2.48 -21.58
C LEU A 131 -13.56 2.96 -21.86
N GLY A 132 -12.89 3.49 -20.84
CA GLY A 132 -11.52 3.93 -20.97
C GLY A 132 -10.52 2.98 -20.35
N LYS A 133 -9.25 3.13 -20.70
CA LYS A 133 -8.21 2.25 -20.18
C LYS A 133 -7.54 2.84 -18.94
N VAL A 134 -8.38 3.27 -17.99
CA VAL A 134 -7.89 3.85 -16.74
C VAL A 134 -7.17 2.80 -15.90
N TYR A 135 -7.77 1.61 -15.78
CA TYR A 135 -7.18 0.50 -15.03
C TYR A 135 -5.93 -0.02 -15.73
N PHE A 136 -5.62 0.58 -16.88
CA PHE A 136 -4.43 0.27 -17.67
C PHE A 136 -4.36 -1.21 -18.01
N ASN A 137 -3.27 -1.84 -17.58
CA ASN A 137 -3.18 -3.29 -17.58
C ASN A 137 -2.64 -3.70 -16.21
N THR A 138 -2.90 -4.95 -15.82
CA THR A 138 -2.62 -5.39 -14.46
C THR A 138 -1.15 -5.28 -14.07
N SER A 139 -0.27 -5.39 -15.06
CA SER A 139 1.17 -5.37 -14.80
C SER A 139 1.72 -3.95 -14.62
N SER A 140 0.97 -2.95 -15.07
CA SER A 140 1.46 -1.58 -14.99
C SER A 140 0.64 -0.71 -14.05
N ILE A 141 -0.46 -1.24 -13.52
CA ILE A 141 -1.39 -0.39 -12.77
C ILE A 141 -0.74 0.24 -11.51
N MET A 142 0.11 -0.50 -10.81
CA MET A 142 0.75 0.05 -9.60
C MET A 142 1.63 1.24 -9.95
N LYS A 143 2.58 1.00 -10.85
CA LYS A 143 3.48 2.04 -11.35
C LYS A 143 2.72 3.27 -11.82
N ASP A 144 1.71 3.02 -12.65
CA ASP A 144 0.89 4.08 -13.21
C ASP A 144 0.25 4.91 -12.11
N PHE A 145 -0.35 4.22 -11.16
CA PHE A 145 -1.06 4.86 -10.06
C PHE A 145 -0.17 5.81 -9.26
N MET A 146 1.00 5.34 -8.85
CA MET A 146 1.92 6.18 -8.09
C MET A 146 2.43 7.38 -8.93
N GLU A 147 2.70 7.14 -10.21
CA GLU A 147 3.11 8.23 -11.11
C GLU A 147 2.09 9.36 -11.11
N ASP A 148 0.83 9.01 -11.34
CA ASP A 148 -0.21 10.01 -11.45
C ASP A 148 -0.35 10.75 -10.14
N PHE A 149 -0.17 10.03 -9.04
CA PHE A 149 -0.34 10.63 -7.73
C PHE A 149 0.76 11.68 -7.48
N VAL A 150 2.03 11.26 -7.54
CA VAL A 150 3.15 12.18 -7.33
C VAL A 150 3.11 13.39 -8.27
N TYR A 151 2.88 13.15 -9.56
CA TYR A 151 2.89 14.23 -10.54
C TYR A 151 1.68 15.16 -10.42
N PHE A 152 0.48 14.58 -10.45
CA PHE A 152 -0.76 15.35 -10.63
C PHE A 152 -1.60 15.46 -9.36
N GLY A 153 -1.47 14.47 -8.50
CA GLY A 153 -2.26 14.42 -7.28
C GLY A 153 -3.55 13.72 -7.57
N LEU A 154 -4.50 13.87 -6.66
CA LEU A 154 -5.79 13.22 -6.75
C LEU A 154 -6.88 14.24 -6.91
N GLY A 155 -7.67 14.11 -7.97
CA GLY A 155 -8.79 14.99 -8.20
C GLY A 155 -10.05 14.16 -8.08
N GLU A 156 -11.20 14.81 -8.06
CA GLU A 156 -12.46 14.10 -7.88
C GLU A 156 -12.72 13.06 -8.98
N GLU A 157 -12.40 13.39 -10.23
CA GLU A 157 -12.73 12.53 -11.37
C GLU A 157 -11.97 11.23 -11.41
N ASP A 158 -10.65 11.28 -11.24
CA ASP A 158 -9.83 10.06 -11.24
C ASP A 158 -10.09 9.22 -10.02
N SER A 159 -10.33 9.87 -8.89
CA SER A 159 -10.49 9.13 -7.64
C SER A 159 -11.78 8.31 -7.67
N LEU A 160 -12.78 8.84 -8.36
CA LEU A 160 -14.05 8.16 -8.58
C LEU A 160 -13.93 7.11 -9.67
N SER A 161 -13.32 7.51 -10.79
CA SER A 161 -13.27 6.69 -11.99
C SER A 161 -12.49 5.40 -11.82
N LEU A 162 -11.30 5.48 -11.22
CA LEU A 162 -10.44 4.30 -11.15
C LEU A 162 -11.09 3.08 -10.45
N PRO A 163 -11.65 3.23 -9.24
CA PRO A 163 -12.18 1.96 -8.70
C PRO A 163 -13.39 1.39 -9.48
N LEU A 164 -14.19 2.25 -10.11
CA LEU A 164 -15.29 1.77 -10.96
C LEU A 164 -14.75 1.07 -12.19
N ASN A 165 -13.70 1.66 -12.76
CA ASN A 165 -13.06 1.14 -13.95
C ASN A 165 -12.29 -0.14 -13.64
N ILE A 166 -11.71 -0.24 -12.45
CA ILE A 166 -11.13 -1.51 -12.04
C ILE A 166 -12.24 -2.58 -11.99
N ALA A 167 -13.41 -2.21 -11.50
CA ALA A 167 -14.49 -3.17 -11.33
C ALA A 167 -15.03 -3.62 -12.70
N TYR A 168 -15.17 -2.68 -13.61
CA TYR A 168 -15.64 -2.98 -14.96
C TYR A 168 -14.68 -3.93 -15.69
N ASN A 169 -13.37 -3.74 -15.47
CA ASN A 169 -12.38 -4.50 -16.21
C ASN A 169 -11.90 -5.82 -15.58
N LEU A 170 -12.08 -5.97 -14.28
CA LEU A 170 -11.57 -7.15 -13.59
C LEU A 170 -12.64 -7.91 -12.83
N TYR A 171 -13.75 -7.25 -12.55
CA TYR A 171 -14.85 -7.88 -11.83
C TYR A 171 -16.14 -7.56 -12.57
N SER A 172 -17.14 -7.09 -11.86
CA SER A 172 -18.27 -6.40 -12.48
C SER A 172 -18.66 -5.22 -11.61
N ILE A 173 -19.35 -4.25 -12.20
CA ILE A 173 -19.76 -3.07 -11.46
C ILE A 173 -20.78 -3.42 -10.40
N ASP A 174 -21.67 -4.35 -10.73
CA ASP A 174 -22.67 -4.78 -9.77
C ASP A 174 -22.04 -5.55 -8.61
N GLN A 175 -20.98 -6.31 -8.88
CA GLN A 175 -20.28 -6.99 -7.81
C GLN A 175 -19.68 -5.99 -6.83
N LEU A 176 -19.09 -4.92 -7.37
CA LEU A 176 -18.54 -3.84 -6.55
C LEU A 176 -19.60 -3.08 -5.76
N ILE A 177 -20.71 -2.77 -6.41
CA ILE A 177 -21.74 -1.98 -5.74
C ILE A 177 -22.33 -2.77 -4.55
N ASP A 178 -22.54 -4.07 -4.76
CA ASP A 178 -23.04 -4.93 -3.68
C ASP A 178 -22.04 -5.05 -2.54
N ALA A 179 -20.76 -5.17 -2.87
CA ALA A 179 -19.71 -5.22 -1.85
C ALA A 179 -19.68 -3.91 -1.10
N TYR A 180 -19.77 -2.79 -1.83
CA TYR A 180 -19.72 -1.48 -1.23
C TYR A 180 -20.91 -1.20 -0.28
N LYS A 181 -22.12 -1.56 -0.67
CA LYS A 181 -23.30 -1.28 0.14
C LYS A 181 -23.27 -2.04 1.47
N LYS A 182 -22.86 -3.31 1.39
CA LYS A 182 -22.71 -4.16 2.57
C LYS A 182 -21.62 -3.63 3.49
N LYS A 183 -20.54 -3.08 2.92
CA LYS A 183 -19.42 -2.59 3.74
C LYS A 183 -19.82 -1.32 4.50
N MET A 184 -20.59 -0.46 3.87
CA MET A 184 -20.90 0.81 4.52
C MET A 184 -21.92 0.59 5.64
N LYS A 185 -22.79 -0.41 5.50
CA LYS A 185 -23.76 -0.75 6.53
C LYS A 185 -22.97 -1.21 7.73
N ARG A 186 -21.97 -2.02 7.46
CA ARG A 186 -21.06 -2.48 8.48
C ARG A 186 -20.33 -1.29 9.12
N ASN A 187 -19.78 -0.40 8.29
CA ASN A 187 -19.08 0.76 8.82
C ASN A 187 -19.97 1.60 9.76
N HIS A 188 -21.24 1.79 9.37
CA HIS A 188 -22.21 2.50 10.19
C HIS A 188 -22.38 1.82 11.56
N GLU A 189 -22.55 0.51 11.53
CA GLU A 189 -22.75 -0.29 12.75
C GLU A 189 -21.53 -0.18 13.67
N ARG A 190 -20.35 -0.02 13.06
CA ARG A 190 -19.12 0.13 13.82
C ARG A 190 -19.00 1.53 14.41
N GLN A 191 -19.52 2.53 13.72
CA GLN A 191 -19.43 3.91 14.22
C GLN A 191 -20.41 4.14 15.36
N ASP A 192 -21.49 3.38 15.38
CA ASP A 192 -22.46 3.47 16.46
C ASP A 192 -21.78 3.05 17.76
N GLY A 193 -20.97 2.00 17.68
CA GLY A 193 -20.22 1.53 18.83
C GLY A 193 -19.23 2.55 19.37
N THR A 194 -18.76 3.44 18.51
CA THR A 194 -17.80 4.47 18.90
C THR A 194 -17.77 5.61 17.89
N ASN B 37 20.92 0.12 19.85
CA ASN B 37 20.36 0.58 18.59
C ASN B 37 21.45 0.86 17.56
N THR B 38 22.46 0.01 17.51
CA THR B 38 23.53 0.16 16.53
C THR B 38 23.51 -0.97 15.50
N LEU B 39 24.10 -0.71 14.34
CA LEU B 39 24.23 -1.72 13.32
C LEU B 39 25.65 -1.79 12.80
N THR B 40 26.28 -2.95 12.95
CA THR B 40 27.61 -3.19 12.39
C THR B 40 27.51 -3.85 11.02
N ILE B 41 28.64 -3.83 10.30
CA ILE B 41 28.75 -4.46 8.99
C ILE B 41 28.62 -5.97 9.14
N ASP B 42 29.07 -6.49 10.28
CA ASP B 42 28.95 -7.91 10.54
C ASP B 42 27.49 -8.30 10.61
N GLN B 43 26.70 -7.53 11.36
CA GLN B 43 25.26 -7.74 11.45
C GLN B 43 24.58 -7.69 10.10
N LEU B 44 24.81 -6.62 9.36
CA LEU B 44 24.22 -6.42 8.04
C LEU B 44 24.55 -7.59 7.10
N GLN B 45 25.80 -8.04 7.16
CA GLN B 45 26.25 -9.18 6.36
C GLN B 45 25.55 -10.48 6.79
N GLU B 46 25.23 -10.60 8.07
CA GLU B 46 24.47 -11.76 8.53
C GLU B 46 23.02 -11.72 7.99
N LEU B 47 22.42 -10.54 7.98
CA LEU B 47 21.07 -10.41 7.46
C LEU B 47 21.03 -10.79 5.97
N LEU B 48 22.06 -10.39 5.23
CA LEU B 48 22.10 -10.66 3.79
C LEU B 48 22.20 -12.15 3.50
N GLN B 49 22.95 -12.87 4.34
CA GLN B 49 23.11 -14.31 4.17
C GLN B 49 21.82 -15.04 4.54
N ILE B 50 21.17 -14.61 5.60
CA ILE B 50 19.85 -15.13 5.96
C ILE B 50 18.89 -14.99 4.79
N GLN B 51 18.88 -13.80 4.17
CA GLN B 51 17.95 -13.54 3.07
C GLN B 51 18.23 -14.42 1.85
N LYS B 52 19.51 -14.59 1.52
CA LYS B 52 19.89 -15.40 0.39
C LYS B 52 19.51 -16.86 0.60
N GLU B 53 19.78 -17.40 1.79
CA GLU B 53 19.38 -18.77 2.12
C GLU B 53 17.88 -19.03 1.85
N PHE B 54 17.03 -18.04 2.08
CA PHE B 54 15.61 -18.22 1.76
C PHE B 54 15.33 -18.06 0.26
N ASP B 55 15.89 -17.02 -0.34
CA ASP B 55 15.60 -16.71 -1.73
C ASP B 55 16.08 -17.81 -2.68
N ASP B 56 17.13 -18.54 -2.30
CA ASP B 56 17.63 -19.63 -3.13
C ASP B 56 16.61 -20.76 -3.29
N ARG B 57 15.61 -20.78 -2.40
CA ARG B 57 14.52 -21.75 -2.45
C ARG B 57 13.38 -21.30 -3.38
N ILE B 58 13.48 -20.08 -3.88
CA ILE B 58 12.47 -19.52 -4.77
C ILE B 58 13.02 -19.44 -6.19
N PRO B 59 12.75 -20.45 -7.02
CA PRO B 59 13.35 -20.48 -8.36
C PRO B 59 12.84 -19.39 -9.31
N THR B 60 11.67 -18.82 -9.02
CA THR B 60 11.09 -17.78 -9.86
C THR B 60 11.55 -16.38 -9.45
N LEU B 61 12.52 -16.33 -8.55
CA LEU B 61 13.04 -15.08 -8.02
C LEU B 61 13.45 -14.16 -9.17
N ASN B 62 12.92 -12.94 -9.18
CA ASN B 62 13.34 -11.98 -10.18
C ASN B 62 13.24 -10.58 -9.59
N LEU B 63 14.09 -9.69 -10.08
CA LEU B 63 14.21 -8.36 -9.53
C LEU B 63 12.92 -7.55 -9.68
N ARG B 64 12.26 -7.65 -10.84
CA ARG B 64 11.06 -6.86 -11.12
C ARG B 64 9.97 -7.08 -10.07
N ASP B 65 9.66 -8.35 -9.82
CA ASP B 65 8.66 -8.69 -8.83
C ASP B 65 9.06 -8.30 -7.42
N SER B 66 10.35 -8.40 -7.07
CA SER B 66 10.84 -8.08 -5.73
C SER B 66 10.67 -6.61 -5.45
N LYS B 67 10.94 -5.77 -6.45
CA LYS B 67 10.75 -4.34 -6.36
C LYS B 67 9.27 -3.94 -6.14
N ILE B 68 8.37 -4.53 -6.92
CA ILE B 68 6.93 -4.38 -6.69
C ILE B 68 6.58 -4.85 -5.27
N ALA B 69 7.07 -6.01 -4.90
CA ALA B 69 6.83 -6.57 -3.57
C ALA B 69 7.29 -5.63 -2.46
N TYR B 70 8.44 -5.00 -2.67
CA TYR B 70 8.99 -4.06 -1.72
C TYR B 70 8.06 -2.87 -1.50
N VAL B 71 7.51 -2.32 -2.59
CA VAL B 71 6.58 -1.21 -2.46
C VAL B 71 5.33 -1.62 -1.69
N VAL B 72 4.81 -2.79 -2.01
CA VAL B 72 3.61 -3.27 -1.32
C VAL B 72 3.79 -3.46 0.21
N GLU B 73 4.94 -3.99 0.64
CA GLU B 73 5.20 -4.18 2.06
C GLU B 73 5.38 -2.83 2.74
N PHE B 74 5.91 -1.86 1.99
CA PHE B 74 6.00 -0.52 2.54
C PHE B 74 4.60 -0.11 2.95
N PHE B 75 3.64 -0.28 2.04
CA PHE B 75 2.32 0.20 2.34
C PHE B 75 1.62 -0.70 3.39
N GLU B 76 1.98 -1.99 3.42
CA GLU B 76 1.51 -2.88 4.49
C GLU B 76 1.93 -2.33 5.84
N TRP B 77 3.20 -1.94 5.93
CA TRP B 77 3.74 -1.35 7.17
C TRP B 77 3.12 0.01 7.45
N PHE B 78 2.98 0.86 6.42
CA PHE B 78 2.47 2.21 6.61
C PHE B 78 1.06 2.16 7.17
N ASN B 79 0.31 1.17 6.71
CA ASN B 79 -1.06 1.01 7.15
C ASN B 79 -1.11 0.47 8.58
N THR B 80 0.00 0.01 9.15
CA THR B 80 -0.02 -0.43 10.56
C THR B 80 0.15 0.73 11.51
N LEU B 81 0.67 1.83 11.00
CA LEU B 81 0.83 3.06 11.78
C LEU B 81 -0.49 3.81 11.92
N GLU B 82 -1.29 3.76 10.86
CA GLU B 82 -2.60 4.40 10.79
C GLU B 82 -2.60 5.89 11.18
N THR B 83 -1.57 6.63 10.76
CA THR B 83 -1.40 8.02 11.19
C THR B 83 -2.49 8.94 10.68
N PHE B 84 -3.03 8.57 9.52
CA PHE B 84 -4.04 9.33 8.79
C PHE B 84 -5.46 8.98 9.25
N LYS B 85 -5.58 8.01 10.15
CA LYS B 85 -6.90 7.48 10.51
C LYS B 85 -7.59 8.30 11.59
N ASN B 86 -8.00 9.52 11.24
CA ASN B 86 -8.70 10.39 12.20
C ASN B 86 -10.05 9.81 12.66
N TRP B 87 -10.53 8.78 11.98
CA TRP B 87 -11.81 8.18 12.33
C TRP B 87 -11.68 7.10 13.39
N LYS B 88 -10.47 6.97 13.94
CA LYS B 88 -10.19 6.00 15.00
C LYS B 88 -9.77 6.74 16.25
N LYS B 89 -10.34 6.34 17.39
CA LYS B 89 -10.00 6.93 18.68
C LYS B 89 -8.54 6.63 19.05
N LYS B 90 -8.12 5.40 18.83
CA LYS B 90 -6.79 4.96 19.20
C LYS B 90 -6.10 4.33 17.99
N PRO B 91 -5.63 5.16 17.05
CA PRO B 91 -5.10 4.61 15.81
C PRO B 91 -3.78 3.88 16.01
N GLY B 92 -3.51 2.87 15.19
CA GLY B 92 -2.27 2.14 15.25
C GLY B 92 -2.53 0.68 15.58
N LYS B 93 -1.90 -0.21 14.83
CA LYS B 93 -2.01 -1.62 15.08
C LYS B 93 -0.98 -2.00 16.16
N PRO B 94 -1.12 -3.20 16.77
CA PRO B 94 -0.16 -3.61 17.80
C PRO B 94 1.31 -3.57 17.33
N LEU B 95 2.22 -3.49 18.29
CA LEU B 95 3.64 -3.38 17.97
C LEU B 95 4.14 -4.60 17.19
N ASP B 96 3.72 -5.81 17.58
CA ASP B 96 4.22 -6.98 16.86
C ASP B 96 3.81 -6.96 15.38
N VAL B 97 2.66 -6.36 15.08
CA VAL B 97 2.19 -6.32 13.69
C VAL B 97 3.01 -5.31 12.90
N GLN B 98 3.33 -4.18 13.54
CA GLN B 98 4.08 -3.13 12.89
C GLN B 98 5.49 -3.63 12.55
N LEU B 99 6.05 -4.40 13.48
CA LEU B 99 7.41 -4.92 13.34
C LEU B 99 7.47 -6.05 12.33
N ASP B 100 6.40 -6.85 12.24
CA ASP B 100 6.38 -7.92 11.25
C ASP B 100 6.32 -7.35 9.83
N GLU B 101 5.61 -6.24 9.64
CA GLU B 101 5.58 -5.65 8.30
C GLU B 101 6.90 -4.92 8.01
N LEU B 102 7.51 -4.35 9.03
CA LEU B 102 8.81 -3.71 8.83
C LEU B 102 9.86 -4.78 8.46
N ALA B 103 9.71 -5.97 9.03
CA ALA B 103 10.57 -7.10 8.70
C ALA B 103 10.42 -7.58 7.26
N ASP B 104 9.18 -7.53 6.75
CA ASP B 104 8.88 -7.86 5.36
C ASP B 104 9.55 -6.91 4.40
N MET B 105 9.52 -5.63 4.73
CA MET B 105 10.16 -4.61 3.95
C MET B 105 11.69 -4.79 3.97
N LEU B 106 12.26 -5.07 5.16
CA LEU B 106 13.69 -5.37 5.23
C LEU B 106 14.00 -6.60 4.36
N ALA B 107 13.13 -7.61 4.40
CA ALA B 107 13.37 -8.82 3.61
C ALA B 107 13.52 -8.52 2.13
N PHE B 108 12.64 -7.71 1.57
CA PHE B 108 12.75 -7.45 0.14
C PHE B 108 13.87 -6.48 -0.13
N GLY B 109 14.18 -5.62 0.83
CA GLY B 109 15.31 -4.73 0.66
C GLY B 109 16.61 -5.50 0.59
N LEU B 110 16.80 -6.46 1.50
CA LEU B 110 17.96 -7.33 1.48
C LEU B 110 17.99 -8.14 0.19
N SER B 111 16.83 -8.64 -0.23
CA SER B 111 16.72 -9.45 -1.44
C SER B 111 17.12 -8.64 -2.67
N ILE B 112 16.63 -7.41 -2.77
CA ILE B 112 16.97 -6.57 -3.89
C ILE B 112 18.48 -6.31 -3.90
N ALA B 113 19.03 -6.07 -2.72
CA ALA B 113 20.47 -5.83 -2.56
C ALA B 113 21.27 -7.05 -3.04
N ASN B 114 20.84 -8.22 -2.59
CA ASN B 114 21.43 -9.49 -3.00
C ASN B 114 21.32 -9.71 -4.52
N GLN B 115 20.12 -9.56 -5.08
CA GLN B 115 19.96 -9.78 -6.51
C GLN B 115 20.76 -8.76 -7.35
N SER B 116 20.94 -7.56 -6.81
CA SER B 116 21.69 -6.51 -7.49
C SER B 116 23.20 -6.69 -7.29
N GLY B 117 23.58 -7.69 -6.50
CA GLY B 117 24.98 -7.95 -6.21
C GLY B 117 25.64 -6.81 -5.43
N VAL B 118 25.04 -6.44 -4.31
CA VAL B 118 25.52 -5.34 -3.49
C VAL B 118 26.96 -5.59 -3.02
N SER B 119 27.76 -4.53 -2.96
CA SER B 119 29.18 -4.67 -2.64
C SER B 119 29.50 -4.24 -1.21
N LEU B 120 30.60 -4.76 -0.67
CA LEU B 120 31.06 -4.38 0.66
C LEU B 120 31.25 -2.88 0.73
N LYS B 121 31.81 -2.32 -0.33
CA LYS B 121 32.08 -0.88 -0.43
C LYS B 121 30.82 -0.07 -0.19
N THR B 122 29.75 -0.49 -0.85
CA THR B 122 28.43 0.14 -0.74
C THR B 122 27.82 -0.04 0.65
N LEU B 123 27.95 -1.23 1.21
CA LEU B 123 27.40 -1.49 2.53
C LEU B 123 28.09 -0.66 3.61
N GLU B 124 29.41 -0.56 3.52
CA GLU B 124 30.18 0.10 4.58
C GLU B 124 29.94 1.60 4.50
N LYS B 125 29.63 2.09 3.31
CA LYS B 125 29.34 3.50 3.12
C LYS B 125 27.90 3.80 3.47
N LEU B 126 27.03 2.80 3.34
CA LEU B 126 25.62 2.96 3.67
C LEU B 126 25.36 3.07 5.17
N ILE B 127 26.06 2.26 5.98
CA ILE B 127 25.85 2.27 7.43
C ILE B 127 25.99 3.68 8.05
N PRO B 128 26.93 4.50 7.54
CA PRO B 128 26.87 5.91 7.97
C PRO B 128 25.61 6.68 7.55
N SER B 129 24.64 6.04 6.88
CA SER B 129 23.42 6.73 6.50
C SER B 129 22.28 6.35 7.43
N THR B 130 22.59 5.60 8.49
CA THR B 130 21.64 5.31 9.58
C THR B 130 21.53 6.72 10.22
N LEU B 131 21.94 6.93 11.48
CA LEU B 131 22.24 8.21 12.10
C LEU B 131 21.21 9.24 11.61
N GLY B 132 21.50 9.80 10.44
CA GLY B 132 20.68 10.83 9.82
C GLY B 132 19.36 10.31 9.31
N LYS B 133 18.36 10.34 10.19
CA LYS B 133 16.96 10.12 9.82
C LYS B 133 16.61 10.77 8.49
N VAL B 134 16.90 12.07 8.42
CA VAL B 134 16.70 12.94 7.25
C VAL B 134 15.80 12.34 6.19
N TYR B 135 14.79 13.10 5.78
CA TYR B 135 13.73 12.53 4.99
C TYR B 135 12.70 11.96 5.96
N PHE B 136 11.44 12.33 5.72
CA PHE B 136 10.26 11.85 6.44
C PHE B 136 10.24 12.09 7.94
N ASN B 137 9.02 12.22 8.45
CA ASN B 137 8.80 12.37 9.87
C ASN B 137 7.70 11.44 10.38
N THR B 138 6.68 11.22 9.56
CA THR B 138 5.51 10.44 9.98
C THR B 138 4.31 10.96 9.21
N SER B 139 4.25 12.28 9.08
CA SER B 139 3.19 12.95 8.32
C SER B 139 3.56 13.12 6.86
N SER B 140 4.74 12.67 6.48
CA SER B 140 5.18 12.84 5.10
C SER B 140 5.83 11.60 4.50
N ILE B 141 6.00 10.53 5.27
CA ILE B 141 6.80 9.41 4.80
C ILE B 141 6.14 8.75 3.60
N MET B 142 4.81 8.68 3.57
CA MET B 142 4.13 8.12 2.42
C MET B 142 4.45 8.91 1.15
N LYS B 143 4.19 10.21 1.18
CA LYS B 143 4.42 11.04 -0.01
C LYS B 143 5.90 11.08 -0.39
N ASP B 144 6.77 11.07 0.62
CA ASP B 144 8.21 11.01 0.40
C ASP B 144 8.66 9.72 -0.29
N PHE B 145 8.16 8.58 0.18
CA PHE B 145 8.46 7.29 -0.42
C PHE B 145 8.02 7.23 -1.87
N MET B 146 6.82 7.71 -2.15
CA MET B 146 6.27 7.63 -3.49
C MET B 146 7.03 8.54 -4.45
N GLU B 147 7.31 9.77 -4.02
CA GLU B 147 8.21 10.68 -4.75
C GLU B 147 9.49 9.98 -5.18
N ASP B 148 10.20 9.43 -4.19
CA ASP B 148 11.45 8.77 -4.47
C ASP B 148 11.30 7.62 -5.46
N PHE B 149 10.30 6.76 -5.25
CA PHE B 149 10.09 5.63 -6.15
C PHE B 149 9.86 6.07 -7.59
N VAL B 150 9.02 7.08 -7.77
CA VAL B 150 8.71 7.60 -9.09
C VAL B 150 9.91 8.30 -9.74
N TYR B 151 10.55 9.19 -9.02
CA TYR B 151 11.69 9.97 -9.54
C TYR B 151 13.00 9.17 -9.64
N PHE B 152 13.27 8.25 -8.74
CA PHE B 152 14.57 7.58 -8.76
C PHE B 152 14.50 6.08 -8.99
N GLY B 153 13.37 5.46 -8.66
CA GLY B 153 13.26 4.02 -8.73
C GLY B 153 13.78 3.37 -7.46
N LEU B 154 13.99 2.06 -7.50
CA LEU B 154 14.52 1.36 -6.34
C LEU B 154 15.92 0.87 -6.62
N GLY B 155 16.88 1.38 -5.85
CA GLY B 155 18.25 0.96 -5.99
C GLY B 155 18.61 0.08 -4.82
N GLU B 156 19.78 -0.51 -4.86
CA GLU B 156 20.23 -1.38 -3.77
C GLU B 156 20.38 -0.58 -2.49
N GLU B 157 20.93 0.63 -2.60
CA GLU B 157 21.23 1.41 -1.41
C GLU B 157 19.94 1.90 -0.70
N ASP B 158 19.02 2.47 -1.48
CA ASP B 158 17.82 3.08 -0.91
C ASP B 158 16.87 2.06 -0.27
N SER B 159 16.69 0.92 -0.93
CA SER B 159 15.73 -0.08 -0.49
C SER B 159 16.19 -0.77 0.80
N LEU B 160 17.50 -0.98 0.91
CA LEU B 160 18.10 -1.52 2.11
C LEU B 160 18.06 -0.49 3.25
N SER B 161 18.34 0.76 2.90
CA SER B 161 18.44 1.86 3.88
C SER B 161 17.15 2.12 4.63
N LEU B 162 16.06 2.19 3.90
CA LEU B 162 14.82 2.73 4.44
C LEU B 162 14.31 1.97 5.67
N PRO B 163 14.17 0.62 5.58
CA PRO B 163 13.65 -0.02 6.78
C PRO B 163 14.61 0.04 7.96
N LEU B 164 15.92 0.09 7.70
CA LEU B 164 16.87 0.24 8.79
C LEU B 164 16.71 1.66 9.36
N ASN B 165 16.44 2.65 8.52
CA ASN B 165 16.29 4.01 9.00
C ASN B 165 15.09 4.09 9.91
N ILE B 166 14.02 3.47 9.43
CA ILE B 166 12.73 3.46 10.12
C ILE B 166 12.86 2.78 11.48
N ALA B 167 13.51 1.63 11.50
CA ALA B 167 13.72 0.92 12.76
C ALA B 167 14.47 1.86 13.73
N TYR B 168 15.53 2.50 13.24
CA TYR B 168 16.32 3.42 14.06
C TYR B 168 15.47 4.57 14.61
N ASN B 169 14.49 5.02 13.82
CA ASN B 169 13.78 6.25 14.16
C ASN B 169 12.45 6.08 14.85
N LEU B 170 11.87 4.89 14.78
CA LEU B 170 10.55 4.69 15.39
C LEU B 170 10.50 3.44 16.26
N TYR B 171 11.48 2.57 16.11
CA TYR B 171 11.55 1.34 16.89
C TYR B 171 12.95 1.20 17.49
N SER B 172 13.60 0.07 17.29
CA SER B 172 15.06 0.03 17.42
C SER B 172 15.57 -0.93 16.36
N ILE B 173 16.84 -0.84 16.01
CA ILE B 173 17.44 -1.82 15.10
C ILE B 173 17.24 -3.22 15.69
N ASP B 174 17.52 -3.36 16.98
CA ASP B 174 17.43 -4.66 17.65
C ASP B 174 16.04 -5.27 17.52
N GLN B 175 15.01 -4.45 17.64
CA GLN B 175 13.65 -4.94 17.52
C GLN B 175 13.34 -5.43 16.11
N LEU B 176 13.87 -4.74 15.09
CA LEU B 176 13.62 -5.14 13.71
C LEU B 176 14.34 -6.45 13.38
N ILE B 177 15.58 -6.58 13.83
CA ILE B 177 16.37 -7.76 13.53
C ILE B 177 15.74 -9.00 14.15
N ASP B 178 15.32 -8.88 15.41
CA ASP B 178 14.58 -9.96 16.06
C ASP B 178 13.27 -10.29 15.31
N ALA B 179 12.53 -9.27 14.90
CA ALA B 179 11.28 -9.50 14.16
C ALA B 179 11.56 -10.13 12.79
N TYR B 180 12.64 -9.69 12.16
CA TYR B 180 13.01 -10.23 10.86
C TYR B 180 13.40 -11.70 10.95
N LYS B 181 14.14 -12.07 12.00
CA LYS B 181 14.54 -13.46 12.15
C LYS B 181 13.34 -14.38 12.47
N LYS B 182 12.36 -13.89 13.23
CA LYS B 182 11.15 -14.66 13.49
C LYS B 182 10.35 -14.83 12.19
N LYS B 183 10.21 -13.75 11.43
CA LYS B 183 9.42 -13.82 10.21
C LYS B 183 10.02 -14.77 9.18
N MET B 184 11.33 -14.70 8.96
CA MET B 184 11.98 -15.59 7.98
C MET B 184 11.84 -17.07 8.36
N LYS B 185 11.96 -17.35 9.66
CA LYS B 185 11.73 -18.70 10.16
C LYS B 185 10.31 -19.16 9.78
N ARG B 186 9.31 -18.32 10.03
CA ARG B 186 7.96 -18.60 9.60
C ARG B 186 7.87 -18.81 8.08
N ASN B 187 8.56 -17.96 7.31
CA ASN B 187 8.57 -18.07 5.85
C ASN B 187 9.10 -19.39 5.35
N HIS B 188 10.14 -19.89 6.01
CA HIS B 188 10.75 -21.15 5.62
C HIS B 188 9.79 -22.29 5.90
N GLU B 189 9.28 -22.32 7.13
CA GLU B 189 8.27 -23.30 7.50
C GLU B 189 7.08 -23.27 6.55
N ARG B 190 6.75 -22.09 6.00
CA ARG B 190 5.65 -22.00 5.07
C ARG B 190 6.02 -22.56 3.69
N GLN B 191 7.31 -22.51 3.37
CA GLN B 191 7.76 -23.04 2.09
C GLN B 191 7.96 -24.55 2.18
N ASP B 192 8.04 -25.05 3.41
CA ASP B 192 8.19 -26.49 3.64
C ASP B 192 6.98 -27.27 3.15
O4 DUP C . -13.91 8.88 6.59
C4 DUP C . -14.08 7.71 6.37
C5 DUP C . -13.37 6.77 7.04
C6 DUP C . -13.57 5.44 6.78
N3 DUP C . -15.00 7.32 5.46
C2 DUP C . -15.20 6.00 5.21
O2 DUP C . -16.03 5.70 4.39
N1 DUP C . -14.48 5.04 5.88
C1' DUP C . -14.66 3.65 5.63
C2' DUP C . -14.18 3.20 4.15
C3' DUP C . -13.74 1.98 4.25
O3' DUP C . -14.83 0.95 4.11
O4' DUP C . -13.99 2.92 6.47
C4' DUP C . -13.18 1.90 5.67
C5' DUP C . -11.82 2.27 5.64
O5' DUP C . -11.34 2.38 6.99
PA DUP C . -10.22 1.33 7.50
O1A DUP C . -8.95 1.42 6.73
O2A DUP C . -9.98 1.63 8.97
N3A DUP C . -10.88 -0.20 7.25
PB DUP C . -10.00 -1.44 6.58
O1B DUP C . -9.34 -1.04 5.26
O2B DUP C . -10.91 -2.63 6.39
O3B DUP C . -8.90 -1.83 7.66
PG DUP C . -7.33 -1.99 7.39
O2G DUP C . -7.06 -3.13 6.45
O1G DUP C . -6.79 -0.71 6.80
O3G DUP C . -6.69 -2.21 8.73
MG MG D . -9.35 -1.97 3.26
MG MG E . -7.80 0.31 5.46
O4 DUP F . 11.16 -13.80 -2.76
C4 DUP F . 10.72 -13.70 -1.65
C5 DUP F . 9.39 -13.76 -1.43
C6 DUP F . 8.90 -13.62 -0.16
N3 DUP F . 11.57 -13.51 -0.63
C2 DUP F . 11.08 -13.38 0.63
O2 DUP F . 11.89 -13.22 1.52
N1 DUP F . 9.76 -13.42 0.89
C1' DUP F . 9.24 -13.28 2.21
C2' DUP F . 9.41 -11.77 2.78
C3' DUP F . 8.33 -11.48 3.45
O3' DUP F . 8.48 -11.78 4.92
O4' DUP F . 7.97 -13.57 2.27
C4' DUP F . 7.22 -12.37 2.88
C5' DUP F . 6.45 -11.65 1.93
O5' DUP F . 5.50 -12.50 1.25
PA DUP F . 3.89 -12.25 1.47
O1A DUP F . 3.11 -13.28 0.65
O2A DUP F . 3.54 -10.89 1.00
N3A DUP F . 3.60 -12.45 3.12
PB DUP F . 2.87 -11.25 4.03
O1B DUP F . 3.18 -11.41 5.50
O2B DUP F . 3.35 -9.89 3.58
O3B DUP F . 1.31 -11.44 3.75
PG DUP F . 0.30 -10.38 3.14
O2G DUP F . 0.86 -9.72 1.92
O1G DUP F . -0.94 -11.16 2.74
O3G DUP F . -0.06 -9.38 4.19
MG MG G . 3.74 -8.25 4.92
MG MG H . 2.97 -8.95 1.65
#